data_5MYA
#
_entry.id   5MYA
#
_cell.length_a   134.160
_cell.length_b   104.690
_cell.length_c   79.520
_cell.angle_alpha   90.00
_cell.angle_beta   121.41
_cell.angle_gamma   90.00
#
_symmetry.space_group_name_H-M   'C 1 2 1'
#
loop_
_entity.id
_entity.type
_entity.pdbx_description
1 polymer 'Angiopoietin-1 receptor'
2 branched 2-acetamido-2-deoxy-beta-D-glucopyranose-(1-4)-2-acetamido-2-deoxy-beta-D-glucopyranose
3 branched alpha-D-mannopyranose-(1-3)-beta-D-mannopyranose-(1-4)-2-acetamido-2-deoxy-beta-D-glucopyranose-(1-4)-2-acetamido-2-deoxy-beta-D-glucopyranose
4 branched beta-D-mannopyranose-(1-4)-2-acetamido-2-deoxy-beta-D-glucopyranose-(1-4)-2-acetamido-2-deoxy-beta-D-glucopyranose
5 non-polymer 2-acetamido-2-deoxy-beta-D-glucopyranose
6 water water
#
_entity_poly.entity_id   1
_entity_poly.type   'polypeptide(L)'
_entity_poly.pdbx_seq_one_letter_code
;MKFLVNVALVFMVVYISYIYADPVLPKPLNAPNVIDTGHNFAVINISSEPYFGDGPIKSKKLLYKPVNHYEAWQHIQVTN
EIVTLNYLEPRTEYELCVQLVRRGEGGEGHPGPVRRFTTASIGLPPPRGLNLLPKSQTTLNLTWQPIFPSSEDDFYVEVE
RRSVQKSDQQNIKVPGNLTSVLLNNLHPREQYVVRARVNTKAQGEWSEDLTAWTLSDILPPQPENIKISNITHSSAVISW
TILDGYSISSITIRYKVQGKNEDQHVDVKIKNATITQYQLKGLEPETAYQVDIFAENNIGSSNPAFSHELVTLPESQAPA
DLGIEGRHHHHHH
;
_entity_poly.pdbx_strand_id   A,B
#
# COMPACT_ATOMS: atom_id res chain seq x y z
N ASP A 22 -71.84 -15.37 -41.51
CA ASP A 22 -72.39 -13.98 -41.65
C ASP A 22 -71.32 -12.88 -41.49
N PRO A 23 -70.64 -12.82 -40.33
CA PRO A 23 -69.63 -11.76 -40.11
C PRO A 23 -68.26 -12.07 -40.75
N VAL A 24 -67.29 -11.18 -40.54
CA VAL A 24 -65.91 -11.37 -41.03
C VAL A 24 -64.97 -11.59 -39.84
N LEU A 25 -64.38 -12.79 -39.77
CA LEU A 25 -63.54 -13.20 -38.64
C LEU A 25 -62.14 -12.56 -38.75
N PRO A 26 -61.51 -12.23 -37.59
CA PRO A 26 -60.26 -11.47 -37.64
C PRO A 26 -58.97 -12.32 -37.59
N LYS A 27 -57.88 -11.75 -38.14
CA LYS A 27 -56.52 -12.27 -38.00
C LYS A 27 -55.53 -11.10 -38.08
N PRO A 28 -54.37 -11.19 -37.39
CA PRO A 28 -53.39 -10.09 -37.46
C PRO A 28 -52.76 -9.85 -38.84
N LEU A 29 -52.18 -8.66 -39.02
CA LEU A 29 -51.46 -8.29 -40.25
C LEU A 29 -50.02 -8.77 -40.23
N ASN A 30 -49.37 -8.63 -39.09
CA ASN A 30 -47.92 -8.87 -38.95
C ASN A 30 -47.61 -10.07 -38.08
N ALA A 31 -46.39 -10.60 -38.24
CA ALA A 31 -45.93 -11.74 -37.45
C ALA A 31 -45.52 -11.26 -36.05
N PRO A 32 -45.55 -12.16 -35.05
CA PRO A 32 -45.04 -11.81 -33.72
C PRO A 32 -43.58 -11.37 -33.75
N ASN A 33 -43.20 -10.51 -32.82
CA ASN A 33 -41.80 -10.09 -32.65
C ASN A 33 -41.24 -10.72 -31.40
N VAL A 34 -40.00 -11.21 -31.46
CA VAL A 34 -39.33 -11.83 -30.33
C VAL A 34 -38.43 -10.79 -29.66
N ILE A 35 -38.80 -10.38 -28.45
CA ILE A 35 -38.11 -9.30 -27.73
C ILE A 35 -36.81 -9.82 -27.14
N ASP A 36 -36.93 -10.89 -26.35
CA ASP A 36 -35.79 -11.53 -25.70
C ASP A 36 -35.97 -13.04 -25.73
N THR A 37 -34.84 -13.77 -25.77
CA THR A 37 -34.84 -15.24 -25.76
C THR A 37 -33.82 -15.83 -24.79
N GLY A 38 -34.00 -17.10 -24.49
CA GLY A 38 -33.06 -17.88 -23.71
C GLY A 38 -33.10 -19.34 -24.13
N HIS A 39 -32.20 -20.14 -23.56
CA HIS A 39 -32.18 -21.58 -23.80
C HIS A 39 -33.50 -22.25 -23.34
N ASN A 40 -34.04 -21.75 -22.22
CA ASN A 40 -35.24 -22.30 -21.58
C ASN A 40 -36.55 -21.57 -21.93
N PHE A 41 -36.45 -20.26 -22.21
CA PHE A 41 -37.63 -19.39 -22.36
C PHE A 41 -37.52 -18.42 -23.53
N ALA A 42 -38.64 -17.73 -23.82
CA ALA A 42 -38.69 -16.67 -24.83
C ALA A 42 -39.73 -15.62 -24.46
N VAL A 43 -39.43 -14.35 -24.76
CA VAL A 43 -40.33 -13.23 -24.52
C VAL A 43 -40.72 -12.62 -25.88
N ILE A 44 -42.02 -12.55 -26.15
CA ILE A 44 -42.52 -12.17 -27.48
C ILE A 44 -43.74 -11.23 -27.43
N ASN A 45 -43.61 -10.08 -28.10
CA ASN A 45 -44.74 -9.21 -28.43
C ASN A 45 -45.49 -9.90 -29.57
N ILE A 46 -46.72 -10.34 -29.30
CA ILE A 46 -47.48 -11.15 -30.26
C ILE A 46 -48.02 -10.37 -31.48
N SER A 47 -48.20 -9.06 -31.34
CA SER A 47 -48.66 -8.17 -32.42
C SER A 47 -50.07 -8.53 -32.92
N SER A 48 -51.02 -8.56 -31.98
CA SER A 48 -52.43 -8.81 -32.29
C SER A 48 -53.10 -7.63 -33.01
N GLU A 49 -52.51 -6.44 -32.92
CA GLU A 49 -52.99 -5.26 -33.62
C GLU A 49 -51.82 -4.64 -34.41
N PRO A 50 -52.06 -4.19 -35.66
CA PRO A 50 -53.33 -4.17 -36.41
C PRO A 50 -53.80 -5.56 -36.87
N TYR A 51 -55.03 -5.63 -37.35
CA TYR A 51 -55.63 -6.91 -37.76
C TYR A 51 -56.79 -6.72 -38.75
N PHE A 52 -56.95 -7.70 -39.64
CA PHE A 52 -58.10 -7.74 -40.56
C PHE A 52 -59.35 -8.11 -39.76
N GLY A 53 -60.53 -7.80 -40.33
CA GLY A 53 -61.81 -8.19 -39.73
C GLY A 53 -62.39 -7.16 -38.77
N ASP A 54 -63.50 -7.54 -38.13
CA ASP A 54 -64.33 -6.61 -37.34
C ASP A 54 -64.36 -6.97 -35.85
N GLY A 55 -65.06 -6.13 -35.09
CA GLY A 55 -65.49 -6.44 -33.73
C GLY A 55 -64.41 -6.40 -32.66
N PRO A 56 -64.78 -6.78 -31.41
CA PRO A 56 -63.84 -6.91 -30.29
C PRO A 56 -63.24 -8.32 -30.20
N ILE A 57 -62.28 -8.49 -29.30
CA ILE A 57 -61.63 -9.78 -29.05
C ILE A 57 -61.62 -10.04 -27.54
N LYS A 58 -62.34 -11.08 -27.10
CA LYS A 58 -62.38 -11.45 -25.67
C LYS A 58 -61.09 -12.16 -25.27
N SER A 59 -60.74 -13.21 -26.00
CA SER A 59 -59.54 -14.00 -25.76
C SER A 59 -58.78 -14.25 -27.06
N LYS A 60 -57.51 -14.62 -26.92
CA LYS A 60 -56.62 -14.88 -28.06
C LYS A 60 -55.52 -15.88 -27.69
N LYS A 61 -55.16 -16.74 -28.64
CA LYS A 61 -54.13 -17.78 -28.45
C LYS A 61 -52.78 -17.32 -28.95
N LEU A 62 -51.73 -18.04 -28.54
CA LEU A 62 -50.40 -17.94 -29.14
C LEU A 62 -49.93 -19.37 -29.43
N LEU A 63 -50.04 -19.79 -30.69
CA LEU A 63 -49.56 -21.10 -31.10
C LEU A 63 -48.04 -21.08 -31.27
N TYR A 64 -47.38 -22.13 -30.80
CA TYR A 64 -45.93 -22.29 -31.00
C TYR A 64 -45.51 -23.77 -31.07
N LYS A 65 -44.54 -24.06 -31.93
CA LYS A 65 -43.90 -25.39 -31.97
C LYS A 65 -42.51 -25.29 -32.63
N PRO A 66 -41.69 -26.36 -32.49
CA PRO A 66 -40.43 -26.40 -33.25
C PRO A 66 -40.67 -26.56 -34.75
N VAL A 67 -39.93 -25.80 -35.55
CA VAL A 67 -40.23 -25.57 -36.97
C VAL A 67 -40.58 -26.85 -37.75
N ASN A 68 -39.63 -27.77 -37.84
CA ASN A 68 -39.80 -28.99 -38.64
C ASN A 68 -40.40 -30.19 -37.90
N HIS A 69 -40.51 -30.12 -36.57
CA HIS A 69 -40.91 -31.27 -35.77
C HIS A 69 -42.41 -31.53 -35.90
N TYR A 70 -42.81 -32.80 -35.76
CA TYR A 70 -44.20 -33.22 -35.88
C TYR A 70 -44.80 -33.55 -34.51
N GLU A 71 -45.39 -32.54 -33.88
CA GLU A 71 -46.24 -32.73 -32.70
C GLU A 71 -47.37 -31.68 -32.70
N ALA A 72 -48.17 -31.67 -31.62
CA ALA A 72 -49.25 -30.70 -31.47
C ALA A 72 -48.71 -29.30 -31.21
N TRP A 73 -49.33 -28.30 -31.84
CA TRP A 73 -49.03 -26.89 -31.54
C TRP A 73 -49.48 -26.58 -30.12
N GLN A 74 -48.62 -25.88 -29.37
CA GLN A 74 -48.91 -25.53 -27.99
C GLN A 74 -49.55 -24.15 -27.94
N HIS A 75 -50.68 -24.03 -27.24
CA HIS A 75 -51.43 -22.76 -27.13
C HIS A 75 -51.46 -22.26 -25.69
N ILE A 76 -51.23 -20.96 -25.53
CA ILE A 76 -51.38 -20.28 -24.24
C ILE A 76 -52.25 -19.03 -24.41
N GLN A 77 -53.10 -18.75 -23.41
CA GLN A 77 -54.02 -17.61 -23.47
C GLN A 77 -53.27 -16.32 -23.18
N VAL A 78 -53.45 -15.32 -24.03
CA VAL A 78 -52.70 -14.06 -23.95
C VAL A 78 -53.60 -12.90 -23.46
N THR A 79 -53.32 -12.41 -22.26
CA THR A 79 -54.12 -11.36 -21.63
C THR A 79 -53.59 -9.99 -22.04
N ASN A 80 -52.32 -9.74 -21.71
CA ASN A 80 -51.71 -8.43 -21.91
C ASN A 80 -51.37 -8.16 -23.39
N GLU A 81 -50.26 -8.75 -23.87
CA GLU A 81 -49.69 -8.52 -25.22
C GLU A 81 -48.30 -9.17 -25.25
N ILE A 82 -47.45 -8.74 -24.31
CA ILE A 82 -46.13 -9.33 -24.13
C ILE A 82 -46.31 -10.60 -23.30
N VAL A 83 -45.84 -11.72 -23.84
CA VAL A 83 -46.03 -13.05 -23.23
C VAL A 83 -44.65 -13.68 -23.01
N THR A 84 -44.57 -14.59 -22.04
CA THR A 84 -43.34 -15.29 -21.69
C THR A 84 -43.52 -16.80 -21.91
N LEU A 85 -42.99 -17.30 -23.02
CA LEU A 85 -42.97 -18.74 -23.31
C LEU A 85 -41.92 -19.41 -22.42
N ASN A 86 -42.31 -20.52 -21.79
CA ASN A 86 -41.42 -21.26 -20.89
C ASN A 86 -41.41 -22.75 -21.24
N TYR A 87 -40.47 -23.48 -20.64
CA TYR A 87 -40.25 -24.92 -20.89
C TYR A 87 -39.82 -25.22 -22.33
N LEU A 88 -39.07 -24.31 -22.96
CA LEU A 88 -38.56 -24.52 -24.32
C LEU A 88 -37.33 -25.41 -24.32
N GLU A 89 -36.94 -25.87 -25.51
CA GLU A 89 -35.76 -26.71 -25.71
C GLU A 89 -34.64 -25.85 -26.30
N PRO A 90 -33.37 -26.06 -25.85
CA PRO A 90 -32.27 -25.23 -26.35
C PRO A 90 -31.84 -25.51 -27.78
N ARG A 91 -31.30 -24.49 -28.45
CA ARG A 91 -30.75 -24.59 -29.81
C ARG A 91 -31.71 -25.03 -30.94
N THR A 92 -33.02 -25.02 -30.68
CA THR A 92 -34.04 -25.47 -31.63
C THR A 92 -34.77 -24.29 -32.25
N GLU A 93 -35.01 -24.34 -33.56
CA GLU A 93 -35.74 -23.30 -34.28
C GLU A 93 -37.24 -23.48 -34.03
N TYR A 94 -37.88 -22.48 -33.43
CA TYR A 94 -39.33 -22.47 -33.23
C TYR A 94 -40.02 -21.56 -34.24
N GLU A 95 -41.32 -21.77 -34.41
CA GLU A 95 -42.17 -20.86 -35.18
C GLU A 95 -43.40 -20.45 -34.35
N LEU A 96 -43.86 -19.21 -34.56
CA LEU A 96 -44.88 -18.56 -33.74
C LEU A 96 -45.99 -17.98 -34.60
N CYS A 97 -47.24 -18.11 -34.15
CA CYS A 97 -48.39 -17.44 -34.79
C CYS A 97 -49.56 -17.24 -33.83
N VAL A 98 -50.37 -16.23 -34.11
CA VAL A 98 -51.44 -15.76 -33.22
C VAL A 98 -52.81 -16.05 -33.82
N GLN A 99 -53.75 -16.47 -32.98
CA GLN A 99 -55.16 -16.60 -33.35
C GLN A 99 -56.01 -15.65 -32.51
N LEU A 100 -57.04 -15.08 -33.13
CA LEU A 100 -58.00 -14.18 -32.49
C LEU A 100 -59.40 -14.77 -32.64
N VAL A 101 -60.20 -14.73 -31.58
CA VAL A 101 -61.54 -15.35 -31.57
C VAL A 101 -62.67 -14.32 -31.72
N ARG A 102 -63.82 -14.79 -32.19
CA ARG A 102 -65.03 -13.98 -32.29
C ARG A 102 -65.58 -13.61 -30.90
N ARG A 103 -65.93 -12.34 -30.72
CA ARG A 103 -66.41 -11.81 -29.43
C ARG A 103 -67.75 -11.08 -29.61
N GLY A 104 -68.59 -11.01 -28.58
CA GLY A 104 -68.35 -11.57 -27.25
C GLY A 104 -68.66 -13.06 -27.15
N GLU A 105 -68.09 -13.71 -26.13
CA GLU A 105 -68.26 -15.15 -25.91
C GLU A 105 -69.44 -15.39 -24.98
N GLY A 109 -61.34 -18.39 -36.16
CA GLY A 109 -60.54 -17.34 -36.78
C GLY A 109 -59.22 -17.86 -37.31
N HIS A 110 -58.79 -17.32 -38.46
CA HIS A 110 -57.53 -17.73 -39.10
C HIS A 110 -56.30 -17.35 -38.26
N PRO A 111 -55.24 -18.18 -38.28
CA PRO A 111 -53.99 -17.80 -37.62
C PRO A 111 -53.21 -16.74 -38.43
N GLY A 112 -52.56 -15.82 -37.72
CA GLY A 112 -51.80 -14.74 -38.35
C GLY A 112 -50.47 -15.19 -38.95
N PRO A 113 -49.67 -14.23 -39.45
CA PRO A 113 -48.35 -14.55 -40.03
C PRO A 113 -47.38 -15.17 -39.03
N VAL A 114 -46.41 -15.92 -39.55
CA VAL A 114 -45.47 -16.69 -38.75
C VAL A 114 -44.12 -15.97 -38.61
N ARG A 115 -43.58 -15.97 -37.40
CA ARG A 115 -42.18 -15.58 -37.16
C ARG A 115 -41.42 -16.79 -36.65
N ARG A 116 -40.21 -16.99 -37.20
CA ARG A 116 -39.30 -18.02 -36.75
C ARG A 116 -38.22 -17.41 -35.86
N PHE A 117 -37.82 -18.15 -34.83
CA PHE A 117 -36.64 -17.83 -34.03
C PHE A 117 -35.99 -19.11 -33.52
N THR A 118 -34.69 -19.02 -33.24
CA THR A 118 -33.94 -20.12 -32.64
C THR A 118 -33.64 -19.80 -31.19
N THR A 119 -33.93 -20.74 -30.28
CA THR A 119 -33.60 -20.59 -28.87
C THR A 119 -32.09 -20.61 -28.68
N ALA A 120 -31.62 -20.00 -27.60
CA ALA A 120 -30.20 -19.87 -27.32
C ALA A 120 -29.56 -21.21 -26.95
N SER A 121 -28.24 -21.28 -27.13
CA SER A 121 -27.45 -22.43 -26.68
C SER A 121 -27.37 -22.42 -25.16
N ILE A 122 -26.76 -23.46 -24.57
CA ILE A 122 -26.70 -23.60 -23.11
C ILE A 122 -25.79 -22.52 -22.50
N GLY A 123 -26.19 -22.02 -21.33
CA GLY A 123 -25.46 -20.94 -20.65
C GLY A 123 -24.12 -21.38 -20.11
N LEU A 124 -23.06 -20.66 -20.47
CA LEU A 124 -21.69 -21.00 -20.07
C LEU A 124 -21.44 -20.74 -18.58
N PRO A 125 -20.44 -21.41 -17.99
CA PRO A 125 -20.06 -21.12 -16.62
C PRO A 125 -19.23 -19.83 -16.52
N PRO A 126 -19.12 -19.25 -15.30
CA PRO A 126 -18.34 -18.03 -15.13
C PRO A 126 -16.83 -18.24 -15.27
N PRO A 127 -16.05 -17.15 -15.44
CA PRO A 127 -14.61 -17.31 -15.63
C PRO A 127 -13.90 -17.71 -14.35
N ARG A 128 -12.95 -18.65 -14.45
CA ARG A 128 -12.22 -19.16 -13.29
C ARG A 128 -10.93 -18.37 -13.04
N GLY A 129 -10.39 -18.55 -11.84
CA GLY A 129 -9.20 -17.83 -11.41
C GLY A 129 -9.42 -16.34 -11.22
N LEU A 130 -10.63 -15.96 -10.78
CA LEU A 130 -10.98 -14.56 -10.55
C LEU A 130 -10.18 -13.99 -9.38
N ASN A 131 -9.47 -12.90 -9.63
CA ASN A 131 -8.60 -12.28 -8.64
C ASN A 131 -8.71 -10.75 -8.72
N LEU A 132 -9.27 -10.15 -7.67
CA LEU A 132 -9.49 -8.70 -7.60
C LEU A 132 -8.43 -8.05 -6.70
N LEU A 133 -7.46 -7.38 -7.31
CA LEU A 133 -6.44 -6.60 -6.59
C LEU A 133 -6.70 -5.11 -6.74
N PRO A 134 -6.51 -4.32 -5.66
CA PRO A 134 -6.59 -2.87 -5.80
C PRO A 134 -5.32 -2.29 -6.39
N LYS A 135 -5.46 -1.23 -7.18
CA LYS A 135 -4.31 -0.57 -7.83
C LYS A 135 -4.21 0.96 -7.62
N SER A 136 -5.28 1.61 -7.18
CA SER A 136 -5.23 3.04 -6.83
C SER A 136 -6.36 3.42 -5.88
N GLN A 137 -6.42 4.70 -5.51
CA GLN A 137 -7.53 5.22 -4.69
C GLN A 137 -8.89 5.11 -5.39
N THR A 138 -8.88 5.17 -6.73
CA THR A 138 -10.11 5.15 -7.52
C THR A 138 -10.30 3.93 -8.45
N THR A 139 -9.36 2.98 -8.44
CA THR A 139 -9.44 1.81 -9.33
C THR A 139 -9.19 0.46 -8.65
N LEU A 140 -9.89 -0.56 -9.13
CA LEU A 140 -9.63 -1.96 -8.80
C LEU A 140 -9.43 -2.70 -10.12
N ASN A 141 -8.56 -3.72 -10.10
CA ASN A 141 -8.27 -4.54 -11.28
C ASN A 141 -8.74 -5.98 -11.06
N LEU A 142 -9.73 -6.40 -11.85
CA LEU A 142 -10.20 -7.79 -11.87
C LEU A 142 -9.48 -8.56 -12.96
N THR A 143 -9.02 -9.77 -12.65
CA THR A 143 -8.35 -10.66 -13.59
C THR A 143 -8.92 -12.07 -13.50
N TRP A 144 -9.03 -12.76 -14.62
CA TRP A 144 -9.44 -14.17 -14.66
C TRP A 144 -8.53 -14.96 -15.61
N GLN A 145 -8.66 -16.26 -15.55
CA GLN A 145 -7.96 -17.14 -16.48
C GLN A 145 -8.40 -16.87 -17.91
N PRO A 146 -7.50 -17.08 -18.88
CA PRO A 146 -8.01 -17.11 -20.25
C PRO A 146 -8.91 -18.33 -20.40
N ILE A 147 -10.17 -18.14 -20.81
CA ILE A 147 -11.04 -19.29 -20.94
C ILE A 147 -11.21 -19.62 -22.43
N PHE A 148 -11.01 -20.89 -22.76
CA PHE A 148 -11.22 -21.37 -24.11
C PHE A 148 -12.69 -21.65 -24.34
N PRO A 149 -13.25 -21.13 -25.44
CA PRO A 149 -14.68 -21.30 -25.72
C PRO A 149 -15.06 -22.74 -26.03
N SER A 150 -15.99 -23.29 -25.25
CA SER A 150 -16.50 -24.64 -25.50
C SER A 150 -17.40 -24.65 -26.75
N SER A 151 -18.39 -23.76 -26.76
CA SER A 151 -19.32 -23.63 -27.88
C SER A 151 -18.71 -22.85 -29.05
N GLU A 152 -19.38 -22.91 -30.19
CA GLU A 152 -18.96 -22.19 -31.41
C GLU A 152 -19.37 -20.72 -31.40
N ASP A 153 -20.56 -20.42 -30.89
CA ASP A 153 -21.16 -19.07 -30.92
C ASP A 153 -20.39 -18.01 -30.09
N ASP A 154 -20.74 -16.75 -30.30
CA ASP A 154 -20.04 -15.59 -29.73
C ASP A 154 -20.33 -15.41 -28.24
N PHE A 155 -19.41 -14.73 -27.53
CA PHE A 155 -19.48 -14.59 -26.07
C PHE A 155 -18.74 -13.35 -25.54
N TYR A 156 -19.17 -12.87 -24.37
CA TYR A 156 -18.53 -11.71 -23.69
C TYR A 156 -18.63 -11.85 -22.17
N VAL A 157 -17.89 -11.00 -21.45
CA VAL A 157 -17.83 -11.04 -19.98
C VAL A 157 -18.54 -9.82 -19.37
N GLU A 158 -19.57 -10.08 -18.56
CA GLU A 158 -20.27 -9.04 -17.80
C GLU A 158 -19.70 -8.99 -16.39
N VAL A 159 -19.34 -7.78 -15.93
CA VAL A 159 -18.72 -7.58 -14.62
C VAL A 159 -19.48 -6.52 -13.81
N GLU A 160 -20.00 -6.92 -12.65
CA GLU A 160 -20.76 -6.06 -11.76
C GLU A 160 -19.89 -5.69 -10.58
N ARG A 161 -19.85 -4.40 -10.21
CA ARG A 161 -19.19 -3.96 -8.98
C ARG A 161 -20.21 -3.20 -8.12
N ARG A 162 -20.16 -3.43 -6.81
CA ARG A 162 -21.19 -2.99 -5.88
C ARG A 162 -20.51 -2.42 -4.64
N SER A 163 -20.80 -1.16 -4.32
CA SER A 163 -20.28 -0.54 -3.09
C SER A 163 -21.02 -1.05 -1.85
N VAL A 164 -20.26 -1.25 -0.77
CA VAL A 164 -20.79 -1.70 0.52
C VAL A 164 -21.19 -0.52 1.40
N GLN A 165 -20.34 0.51 1.42
CA GLN A 165 -20.56 1.70 2.24
C GLN A 165 -21.74 2.49 1.69
N LYS A 166 -21.66 2.86 0.42
CA LYS A 166 -22.76 3.57 -0.28
C LYS A 166 -23.52 2.64 -1.21
N SER A 167 -24.70 3.09 -1.64
CA SER A 167 -25.53 2.37 -2.61
C SER A 167 -25.10 2.78 -4.02
N ASP A 168 -24.19 2.00 -4.61
CA ASP A 168 -23.57 2.35 -5.89
C ASP A 168 -23.14 1.09 -6.67
N GLN A 169 -23.90 0.77 -7.72
CA GLN A 169 -23.59 -0.37 -8.59
C GLN A 169 -23.34 0.07 -10.03
N GLN A 170 -22.33 -0.53 -10.65
CA GLN A 170 -21.97 -0.25 -12.04
C GLN A 170 -21.69 -1.57 -12.77
N ASN A 171 -22.17 -1.66 -14.00
CA ASN A 171 -22.02 -2.84 -14.84
C ASN A 171 -21.06 -2.53 -15.98
N ILE A 172 -20.10 -3.41 -16.22
CA ILE A 172 -19.12 -3.22 -17.31
C ILE A 172 -19.07 -4.46 -18.19
N LYS A 173 -19.27 -4.25 -19.50
CA LYS A 173 -19.20 -5.31 -20.50
C LYS A 173 -17.79 -5.34 -21.04
N VAL A 174 -17.22 -6.55 -21.13
CA VAL A 174 -15.84 -6.75 -21.54
C VAL A 174 -15.80 -7.83 -22.63
N PRO A 175 -15.07 -7.58 -23.73
CA PRO A 175 -14.91 -8.58 -24.82
C PRO A 175 -14.53 -9.99 -24.34
N GLY A 176 -14.98 -11.01 -25.08
CA GLY A 176 -14.79 -12.41 -24.70
C GLY A 176 -13.34 -12.86 -24.60
N ASN A 177 -12.50 -12.38 -25.53
CA ASN A 177 -11.12 -12.88 -25.64
C ASN A 177 -10.15 -12.39 -24.56
N LEU A 178 -10.07 -11.06 -24.32
CA LEU A 178 -9.17 -10.53 -23.29
C LEU A 178 -9.64 -10.88 -21.87
N THR A 179 -8.72 -10.82 -20.91
CA THR A 179 -8.82 -11.56 -19.65
C THR A 179 -8.75 -10.71 -18.35
N SER A 180 -9.05 -9.41 -18.45
CA SER A 180 -9.03 -8.52 -17.27
C SER A 180 -9.77 -7.20 -17.53
N VAL A 181 -10.24 -6.57 -16.45
CA VAL A 181 -10.84 -5.23 -16.51
C VAL A 181 -10.20 -4.33 -15.48
N LEU A 182 -10.23 -3.03 -15.75
CA LEU A 182 -9.91 -2.02 -14.77
C LEU A 182 -11.22 -1.34 -14.38
N LEU A 183 -11.72 -1.68 -13.20
CA LEU A 183 -12.91 -1.03 -12.64
C LEU A 183 -12.45 0.30 -12.09
N ASN A 184 -13.08 1.39 -12.53
CA ASN A 184 -12.59 2.75 -12.23
C ASN A 184 -13.73 3.72 -11.95
N ASN A 185 -13.39 4.97 -11.63
CA ASN A 185 -14.33 5.98 -11.11
C ASN A 185 -14.89 5.56 -9.74
N LEU A 186 -14.05 4.88 -8.95
CA LEU A 186 -14.40 4.45 -7.60
C LEU A 186 -13.95 5.53 -6.63
N HIS A 187 -14.30 5.34 -5.36
CA HIS A 187 -13.93 6.29 -4.29
C HIS A 187 -12.79 5.73 -3.44
N PRO A 188 -12.02 6.61 -2.77
CA PRO A 188 -10.95 6.12 -1.89
C PRO A 188 -11.47 5.50 -0.59
N ARG A 189 -10.70 4.54 -0.05
CA ARG A 189 -11.06 3.73 1.12
C ARG A 189 -12.55 3.37 1.20
N GLU A 190 -13.02 2.71 0.14
CA GLU A 190 -14.38 2.18 0.06
C GLU A 190 -14.29 0.78 -0.53
N GLN A 191 -14.99 -0.19 0.06
CA GLN A 191 -14.93 -1.57 -0.45
C GLN A 191 -16.05 -1.86 -1.44
N TYR A 192 -15.71 -2.71 -2.40
CA TYR A 192 -16.60 -3.04 -3.49
C TYR A 192 -16.68 -4.56 -3.61
N VAL A 193 -17.90 -5.08 -3.68
CA VAL A 193 -18.15 -6.49 -3.94
C VAL A 193 -18.33 -6.64 -5.44
N VAL A 194 -17.65 -7.62 -6.03
CA VAL A 194 -17.60 -7.82 -7.47
C VAL A 194 -17.97 -9.25 -7.81
N ARG A 195 -18.78 -9.42 -8.86
CA ARG A 195 -19.03 -10.72 -9.48
C ARG A 195 -18.87 -10.58 -10.99
N ALA A 196 -18.83 -11.72 -11.67
CA ALA A 196 -18.75 -11.76 -13.13
C ALA A 196 -19.46 -12.98 -13.70
N ARG A 197 -19.72 -12.92 -15.01
CA ARG A 197 -20.28 -14.07 -15.74
C ARG A 197 -20.00 -13.98 -17.23
N VAL A 198 -20.15 -15.12 -17.92
CA VAL A 198 -19.94 -15.23 -19.35
C VAL A 198 -21.30 -15.32 -20.05
N ASN A 199 -21.63 -14.31 -20.84
CA ASN A 199 -22.90 -14.24 -21.58
C ASN A 199 -22.69 -14.49 -23.07
N THR A 200 -23.65 -15.19 -23.67
CA THR A 200 -23.67 -15.49 -25.11
C THR A 200 -25.04 -14.99 -25.63
N LYS A 201 -25.73 -15.79 -26.44
CA LYS A 201 -27.16 -15.59 -26.67
C LYS A 201 -27.93 -15.82 -25.38
N ALA A 202 -27.53 -16.87 -24.65
CA ALA A 202 -28.01 -17.12 -23.28
C ALA A 202 -27.07 -16.47 -22.26
N GLN A 203 -27.59 -16.27 -21.05
CA GLN A 203 -26.85 -15.59 -19.97
C GLN A 203 -26.34 -16.60 -18.94
N GLY A 204 -25.03 -16.59 -18.70
CA GLY A 204 -24.39 -17.56 -17.82
C GLY A 204 -24.62 -17.36 -16.34
N GLU A 205 -24.03 -18.25 -15.56
CA GLU A 205 -24.18 -18.25 -14.10
C GLU A 205 -23.24 -17.22 -13.50
N TRP A 206 -23.66 -16.60 -12.39
CA TRP A 206 -22.82 -15.63 -11.70
C TRP A 206 -21.68 -16.31 -10.93
N SER A 207 -20.51 -15.68 -10.93
CA SER A 207 -19.37 -16.15 -10.17
C SER A 207 -19.57 -15.90 -8.68
N GLU A 208 -18.63 -16.37 -7.86
CA GLU A 208 -18.61 -16.08 -6.44
C GLU A 208 -18.20 -14.62 -6.24
N ASP A 209 -18.65 -14.03 -5.13
CA ASP A 209 -18.38 -12.62 -4.86
C ASP A 209 -16.94 -12.34 -4.41
N LEU A 210 -16.19 -11.62 -5.27
CA LEU A 210 -14.87 -11.09 -4.93
C LEU A 210 -15.07 -9.76 -4.21
N THR A 211 -14.31 -9.52 -3.14
CA THR A 211 -14.39 -8.26 -2.39
C THR A 211 -13.00 -7.66 -2.26
N ALA A 212 -12.93 -6.33 -2.28
CA ALA A 212 -11.66 -5.61 -2.16
C ALA A 212 -11.88 -4.15 -1.78
N TRP A 213 -10.82 -3.54 -1.23
CA TRP A 213 -10.82 -2.15 -0.80
C TRP A 213 -9.95 -1.33 -1.75
N THR A 214 -10.45 -0.15 -2.14
CA THR A 214 -9.63 0.83 -2.85
C THR A 214 -8.61 1.44 -1.87
N LEU A 215 -7.52 1.98 -2.40
CA LEU A 215 -6.45 2.53 -1.56
C LEU A 215 -6.91 3.75 -0.75
N SER A 216 -6.15 4.06 0.30
CA SER A 216 -6.49 5.13 1.22
C SER A 216 -6.09 6.50 0.69
N ASP A 217 -6.99 7.48 0.82
CA ASP A 217 -6.68 8.89 0.52
C ASP A 217 -6.07 9.66 1.69
N ILE A 218 -6.02 9.03 2.88
CA ILE A 218 -5.50 9.66 4.08
C ILE A 218 -4.47 8.75 4.78
N LEU A 219 -3.83 9.30 5.81
CA LEU A 219 -2.97 8.52 6.70
C LEU A 219 -3.84 7.57 7.51
N PRO A 220 -3.27 6.41 7.92
CA PRO A 220 -4.11 5.46 8.66
C PRO A 220 -4.37 5.94 10.09
N PRO A 221 -5.50 5.53 10.69
CA PRO A 221 -5.71 5.81 12.12
C PRO A 221 -4.68 5.11 13.01
N GLN A 222 -4.39 5.74 14.15
CA GLN A 222 -3.47 5.18 15.14
C GLN A 222 -4.08 3.89 15.70
N PRO A 223 -3.25 2.84 15.90
CA PRO A 223 -3.84 1.58 16.38
C PRO A 223 -4.46 1.70 17.79
N GLU A 224 -5.70 1.21 17.92
CA GLU A 224 -6.46 1.29 19.17
C GLU A 224 -6.07 0.15 20.11
N ASN A 225 -6.51 0.26 21.36
CA ASN A 225 -6.41 -0.81 22.36
C ASN A 225 -4.99 -1.31 22.61
N ILE A 226 -4.06 -0.36 22.79
CA ILE A 226 -2.65 -0.69 23.02
C ILE A 226 -2.48 -1.11 24.48
N LYS A 227 -2.22 -2.40 24.70
CA LYS A 227 -2.11 -2.97 26.05
C LYS A 227 -0.78 -3.71 26.22
N ILE A 228 0.08 -3.17 27.09
CA ILE A 228 1.33 -3.82 27.47
C ILE A 228 1.06 -4.79 28.63
N SER A 229 1.66 -5.98 28.56
CA SER A 229 1.47 -7.03 29.57
C SER A 229 2.62 -8.04 29.53
N ASN A 230 2.59 -9.03 30.42
CA ASN A 230 3.63 -10.07 30.55
C ASN A 230 5.06 -9.48 30.63
N ILE A 231 5.20 -8.45 31.43
CA ILE A 231 6.48 -7.74 31.58
C ILE A 231 7.46 -8.62 32.37
N THR A 232 8.71 -8.61 31.93
CA THR A 232 9.76 -9.49 32.45
C THR A 232 11.09 -8.73 32.39
N HIS A 233 12.12 -9.26 33.05
CA HIS A 233 13.49 -8.69 32.96
C HIS A 233 14.04 -8.62 31.52
N SER A 234 13.64 -9.55 30.66
CA SER A 234 14.07 -9.57 29.26
C SER A 234 12.92 -9.83 28.27
N SER A 235 11.70 -9.41 28.63
CA SER A 235 10.52 -9.57 27.76
C SER A 235 9.32 -8.72 28.19
N ALA A 236 8.43 -8.44 27.23
CA ALA A 236 7.17 -7.72 27.47
C ALA A 236 6.31 -7.76 26.21
N VAL A 237 5.10 -8.32 26.29
CA VAL A 237 4.21 -8.40 25.13
C VAL A 237 3.36 -7.13 24.98
N ILE A 238 3.14 -6.72 23.73
CA ILE A 238 2.29 -5.57 23.37
C ILE A 238 1.22 -6.05 22.39
N SER A 239 -0.01 -5.58 22.61
CA SER A 239 -1.16 -5.97 21.80
C SER A 239 -1.94 -4.74 21.39
N TRP A 240 -2.46 -4.75 20.15
CA TRP A 240 -3.11 -3.58 19.55
C TRP A 240 -4.27 -3.98 18.63
N THR A 241 -4.97 -2.97 18.12
CA THR A 241 -6.12 -3.13 17.22
C THR A 241 -6.03 -2.08 16.11
N ILE A 242 -6.47 -2.45 14.90
CA ILE A 242 -6.47 -1.54 13.73
C ILE A 242 -7.80 -1.59 12.99
N LEU A 243 -8.27 -0.43 12.54
CA LEU A 243 -9.52 -0.32 11.79
C LEU A 243 -9.32 -0.83 10.36
N ASP A 244 -10.26 -1.63 9.88
CA ASP A 244 -10.19 -2.21 8.54
C ASP A 244 -10.60 -1.16 7.50
N GLY A 245 -10.08 -1.33 6.29
CA GLY A 245 -10.44 -0.48 5.14
C GLY A 245 -9.57 0.72 4.86
N TYR A 246 -8.52 0.92 5.66
CA TYR A 246 -7.56 2.00 5.44
C TYR A 246 -6.30 1.52 4.71
N SER A 247 -6.37 0.33 4.11
CA SER A 247 -5.28 -0.23 3.32
C SER A 247 -3.98 -0.36 4.12
N ILE A 248 -4.11 -0.75 5.39
CA ILE A 248 -2.96 -0.90 6.28
C ILE A 248 -2.17 -2.15 5.87
N SER A 249 -0.97 -1.92 5.32
CA SER A 249 -0.10 -2.97 4.82
C SER A 249 0.85 -3.50 5.89
N SER A 250 1.20 -2.69 6.88
CA SER A 250 2.16 -3.09 7.92
C SER A 250 2.05 -2.24 9.19
N ILE A 251 2.52 -2.77 10.31
CA ILE A 251 2.66 -2.00 11.55
C ILE A 251 4.10 -2.06 12.06
N THR A 252 4.50 -1.02 12.78
CA THR A 252 5.86 -0.85 13.29
C THR A 252 5.83 -0.53 14.78
N ILE A 253 6.52 -1.35 15.58
CA ILE A 253 6.66 -1.12 17.02
C ILE A 253 8.08 -0.61 17.30
N ARG A 254 8.17 0.69 17.63
CA ARG A 254 9.45 1.33 17.96
C ARG A 254 9.64 1.40 19.46
N TYR A 255 10.81 0.97 19.96
CA TYR A 255 11.13 1.09 21.38
C TYR A 255 12.58 1.50 21.68
N LYS A 256 12.73 2.31 22.73
CA LYS A 256 14.02 2.84 23.17
C LYS A 256 14.00 3.16 24.67
N VAL A 257 15.17 3.23 25.27
CA VAL A 257 15.32 3.53 26.70
C VAL A 257 15.00 5.01 26.93
N GLN A 258 14.30 5.30 28.03
CA GLN A 258 13.74 6.64 28.27
C GLN A 258 14.75 7.73 28.62
N GLY A 259 15.97 7.34 28.98
CA GLY A 259 17.07 8.30 29.23
C GLY A 259 17.29 9.28 28.09
N LYS A 260 17.80 10.46 28.43
CA LYS A 260 17.93 11.57 27.47
C LYS A 260 18.99 11.37 26.37
N ASN A 261 19.86 10.38 26.52
CA ASN A 261 20.86 10.04 25.50
C ASN A 261 20.32 9.86 24.08
N GLU A 262 19.25 9.08 23.92
CA GLU A 262 18.69 8.70 22.62
C GLU A 262 19.76 8.13 21.65
N ASP A 263 20.59 7.23 22.17
CA ASP A 263 21.68 6.62 21.39
C ASP A 263 21.19 5.65 20.32
N GLN A 264 20.09 4.94 20.61
CA GLN A 264 19.52 4.00 19.65
C GLN A 264 18.06 3.67 19.95
N HIS A 265 17.36 3.22 18.91
CA HIS A 265 16.03 2.60 19.06
C HIS A 265 15.96 1.31 18.24
N VAL A 266 14.86 0.57 18.40
CA VAL A 266 14.63 -0.68 17.68
C VAL A 266 13.25 -0.64 17.04
N ASP A 267 13.21 -0.65 15.71
CA ASP A 267 11.95 -0.78 14.96
C ASP A 267 11.65 -2.25 14.70
N VAL A 268 10.37 -2.61 14.85
CA VAL A 268 9.88 -3.96 14.56
C VAL A 268 8.76 -3.83 13.52
N LYS A 269 9.14 -3.88 12.25
CA LYS A 269 8.18 -3.79 11.14
C LYS A 269 7.56 -5.16 10.88
N ILE A 270 6.26 -5.28 11.12
CA ILE A 270 5.52 -6.53 10.88
C ILE A 270 4.83 -6.41 9.52
N LYS A 271 5.15 -7.36 8.63
CA LYS A 271 4.79 -7.28 7.21
C LYS A 271 3.30 -7.42 6.92
N ASN A 272 2.60 -8.26 7.69
CA ASN A 272 1.15 -8.44 7.53
C ASN A 272 0.37 -7.78 8.67
N ALA A 273 -0.77 -7.18 8.32
CA ALA A 273 -1.63 -6.49 9.28
C ALA A 273 -2.53 -7.42 10.09
N THR A 274 -2.56 -8.71 9.75
CA THR A 274 -3.34 -9.71 10.48
C THR A 274 -2.86 -9.94 11.91
N ILE A 275 -1.53 -9.86 12.13
CA ILE A 275 -0.95 -10.05 13.46
C ILE A 275 -1.31 -8.86 14.38
N THR A 276 -1.79 -9.19 15.58
CA THR A 276 -2.24 -8.19 16.57
C THR A 276 -1.43 -8.18 17.88
N GLN A 277 -0.44 -9.05 18.01
CA GLN A 277 0.45 -9.10 19.18
C GLN A 277 1.91 -9.31 18.78
N TYR A 278 2.82 -8.77 19.58
CA TYR A 278 4.25 -9.03 19.43
C TYR A 278 4.92 -9.03 20.81
N GLN A 279 5.75 -10.05 21.06
CA GLN A 279 6.52 -10.13 22.29
C GLN A 279 7.89 -9.49 22.05
N LEU A 280 8.15 -8.39 22.74
CA LEU A 280 9.49 -7.77 22.75
C LEU A 280 10.40 -8.70 23.54
N LYS A 281 11.65 -8.84 23.09
CA LYS A 281 12.60 -9.75 23.73
C LYS A 281 13.98 -9.13 23.87
N GLY A 282 14.74 -9.62 24.85
CA GLY A 282 16.10 -9.17 25.10
C GLY A 282 16.22 -7.75 25.63
N LEU A 283 15.27 -7.35 26.48
CA LEU A 283 15.30 -6.03 27.11
C LEU A 283 16.24 -6.01 28.32
N GLU A 284 16.64 -4.80 28.70
CA GLU A 284 17.53 -4.59 29.84
C GLU A 284 16.72 -4.66 31.14
N PRO A 285 17.18 -5.44 32.14
CA PRO A 285 16.45 -5.51 33.42
C PRO A 285 16.41 -4.20 34.21
N GLU A 286 15.30 -3.96 34.90
CA GLU A 286 15.10 -2.76 35.74
C GLU A 286 15.21 -1.44 34.97
N THR A 287 14.70 -1.43 33.74
CA THR A 287 14.93 -0.35 32.78
C THR A 287 13.63 0.22 32.21
N ALA A 288 13.48 1.53 32.26
CA ALA A 288 12.33 2.24 31.70
C ALA A 288 12.46 2.33 30.19
N TYR A 289 11.41 1.94 29.47
CA TYR A 289 11.36 2.00 28.00
C TYR A 289 10.22 2.90 27.51
N GLN A 290 10.40 3.43 26.31
CA GLN A 290 9.39 4.23 25.62
C GLN A 290 8.94 3.46 24.39
N VAL A 291 7.71 2.93 24.43
CA VAL A 291 7.14 2.21 23.29
C VAL A 291 6.23 3.13 22.48
N ASP A 292 6.45 3.16 21.17
CA ASP A 292 5.54 3.77 20.20
C ASP A 292 5.08 2.68 19.23
N ILE A 293 3.94 2.91 18.59
CA ILE A 293 3.40 1.95 17.62
C ILE A 293 2.73 2.68 16.45
N PHE A 294 3.05 2.25 15.23
CA PHE A 294 2.62 2.92 13.99
C PHE A 294 1.97 1.90 13.04
N ALA A 295 0.83 2.26 12.47
CA ALA A 295 0.25 1.54 11.35
C ALA A 295 0.71 2.21 10.07
N GLU A 296 0.86 1.42 9.00
CA GLU A 296 1.41 1.90 7.72
C GLU A 296 0.50 1.52 6.57
N ASN A 297 0.07 2.50 5.78
CA ASN A 297 -0.73 2.26 4.57
C ASN A 297 -0.03 2.78 3.32
N ASN A 298 -0.69 2.66 2.17
CA ASN A 298 -0.20 3.17 0.88
C ASN A 298 0.41 4.58 0.92
N ILE A 299 -0.15 5.48 1.73
CA ILE A 299 0.40 6.84 1.91
C ILE A 299 1.60 6.85 2.87
N GLY A 300 1.34 6.66 4.15
CA GLY A 300 2.39 6.76 5.19
C GLY A 300 1.99 6.16 6.52
N SER A 301 2.61 6.66 7.59
CA SER A 301 2.42 6.11 8.94
C SER A 301 1.42 6.92 9.77
N SER A 302 0.77 6.25 10.72
CA SER A 302 -0.19 6.89 11.62
C SER A 302 0.52 7.74 12.66
N ASN A 303 0.00 8.94 12.93
CA ASN A 303 0.58 9.83 13.93
C ASN A 303 0.04 9.50 15.33
N PRO A 304 0.92 9.19 16.31
CA PRO A 304 0.42 8.93 17.67
C PRO A 304 -0.03 10.20 18.39
N ALA A 305 -1.11 10.07 19.16
CA ALA A 305 -1.52 11.11 20.11
C ALA A 305 -0.53 11.16 21.27
N PHE A 306 -0.10 9.98 21.73
CA PHE A 306 0.83 9.85 22.85
C PHE A 306 1.68 8.58 22.71
N SER A 307 2.87 8.61 23.30
CA SER A 307 3.72 7.41 23.41
C SER A 307 3.30 6.58 24.61
N HIS A 308 3.84 5.37 24.71
CA HIS A 308 3.57 4.46 25.82
C HIS A 308 4.85 4.19 26.61
N GLU A 309 4.68 3.85 27.89
CA GLU A 309 5.77 3.62 28.83
C GLU A 309 5.66 2.24 29.47
N LEU A 310 6.81 1.61 29.70
CA LEU A 310 6.89 0.40 30.51
C LEU A 310 8.23 0.35 31.26
N VAL A 311 8.26 -0.42 32.34
CA VAL A 311 9.48 -0.64 33.13
C VAL A 311 9.67 -2.14 33.29
N THR A 312 10.81 -2.64 32.81
CA THR A 312 11.16 -4.06 32.93
C THR A 312 11.44 -4.42 34.40
N LEU A 313 11.21 -5.69 34.73
CA LEU A 313 11.40 -6.18 36.10
C LEU A 313 12.88 -6.41 36.41
N PRO A 314 13.25 -6.48 37.71
CA PRO A 314 14.61 -6.92 38.08
C PRO A 314 14.67 -8.42 38.33
N GLU A 315 15.85 -9.00 38.12
CA GLU A 315 16.08 -10.44 38.29
C GLU A 315 16.22 -10.82 39.77
N SER A 316 16.22 -12.12 40.05
CA SER A 316 16.43 -12.67 41.40
C SER A 316 17.15 -14.01 41.35
N SER B 121 49.08 47.43 24.27
CA SER B 121 47.99 46.50 24.70
C SER B 121 48.37 45.04 24.43
N ILE B 122 48.39 44.22 25.49
CA ILE B 122 48.65 42.79 25.38
C ILE B 122 47.44 42.07 24.76
N GLY B 123 47.71 41.03 23.97
CA GLY B 123 46.66 40.31 23.26
C GLY B 123 45.81 39.40 24.15
N LEU B 124 44.52 39.32 23.84
CA LEU B 124 43.57 38.50 24.60
C LEU B 124 43.73 37.02 24.25
N PRO B 125 43.24 36.10 25.11
CA PRO B 125 43.27 34.68 24.78
C PRO B 125 42.23 34.31 23.71
N PRO B 126 42.35 33.10 23.13
CA PRO B 126 41.40 32.67 22.09
C PRO B 126 40.01 32.37 22.65
N PRO B 127 38.96 32.36 21.79
CA PRO B 127 37.59 32.09 22.24
C PRO B 127 37.43 30.78 23.04
N ARG B 128 36.64 30.84 24.10
CA ARG B 128 36.51 29.74 25.06
C ARG B 128 35.30 28.88 24.69
N GLY B 129 35.47 27.56 24.71
CA GLY B 129 34.39 26.62 24.45
C GLY B 129 34.00 26.56 22.97
N LEU B 130 35.01 26.48 22.11
CA LEU B 130 34.79 26.41 20.66
C LEU B 130 34.29 25.03 20.23
N ASN B 131 33.38 25.01 19.25
CA ASN B 131 32.95 23.77 18.60
C ASN B 131 32.44 24.03 17.18
N LEU B 132 32.71 23.09 16.28
CA LEU B 132 32.40 23.22 14.86
C LEU B 132 31.50 22.07 14.43
N LEU B 133 30.36 22.40 13.82
CA LEU B 133 29.38 21.39 13.38
C LEU B 133 28.87 21.65 11.96
N PRO B 134 28.62 20.57 11.18
CA PRO B 134 28.04 20.76 9.84
C PRO B 134 26.59 21.26 9.87
N LYS B 135 26.36 22.43 9.30
CA LYS B 135 25.01 22.97 9.11
C LYS B 135 24.41 22.41 7.83
N SER B 136 25.20 22.45 6.75
CA SER B 136 24.77 21.99 5.43
C SER B 136 25.95 21.51 4.58
N GLN B 137 25.72 21.33 3.29
CA GLN B 137 26.76 21.05 2.31
C GLN B 137 27.65 22.28 2.06
N THR B 138 27.04 23.46 2.10
CA THR B 138 27.73 24.73 1.79
C THR B 138 28.05 25.60 3.02
N THR B 139 27.68 25.15 4.22
CA THR B 139 27.87 25.95 5.44
C THR B 139 28.38 25.11 6.62
N LEU B 140 29.05 25.79 7.54
CA LEU B 140 29.46 25.23 8.84
C LEU B 140 29.11 26.21 9.96
N ASN B 141 28.68 25.67 11.10
CA ASN B 141 28.28 26.47 12.27
C ASN B 141 29.43 26.44 13.27
N LEU B 142 30.09 27.59 13.48
CA LEU B 142 31.14 27.71 14.50
C LEU B 142 30.54 28.30 15.76
N THR B 143 30.44 27.48 16.81
CA THR B 143 29.84 27.89 18.10
C THR B 143 30.91 28.12 19.17
N TRP B 144 30.72 29.17 19.97
CA TRP B 144 31.66 29.53 21.04
C TRP B 144 31.00 30.39 22.11
N GLN B 145 31.55 30.34 23.33
CA GLN B 145 30.96 31.02 24.49
C GLN B 145 31.45 32.48 24.55
N PRO B 146 30.52 33.44 24.73
CA PRO B 146 30.91 34.86 24.73
C PRO B 146 31.68 35.28 25.98
N ILE B 147 32.23 36.48 25.95
CA ILE B 147 33.11 36.99 27.02
C ILE B 147 32.80 38.45 27.39
N PHE B 148 33.18 38.83 28.61
CA PHE B 148 32.98 40.19 29.09
C PHE B 148 33.97 41.14 28.40
N PRO B 149 33.51 42.34 27.98
CA PRO B 149 34.35 43.23 27.18
C PRO B 149 35.47 43.95 27.94
N SER B 150 36.47 44.41 27.20
CA SER B 150 37.57 45.24 27.75
C SER B 150 38.14 46.11 26.62
N SER B 151 37.40 47.16 26.26
CA SER B 151 37.75 48.06 25.16
C SER B 151 38.36 49.37 25.68
N GLU B 152 39.60 49.64 25.30
CA GLU B 152 40.29 50.88 25.68
C GLU B 152 41.52 51.12 24.80
N ASP B 154 37.17 49.35 20.97
CA ASP B 154 36.37 48.28 20.38
C ASP B 154 37.17 47.00 20.18
N PHE B 155 36.45 45.92 19.88
CA PHE B 155 37.06 44.60 19.64
C PHE B 155 36.18 43.75 18.70
N TYR B 156 36.82 42.85 17.96
CA TYR B 156 36.14 41.91 17.06
C TYR B 156 36.77 40.52 17.16
N VAL B 157 36.19 39.56 16.44
CA VAL B 157 36.75 38.20 16.37
C VAL B 157 37.11 37.83 14.93
N GLU B 158 38.35 37.35 14.75
CA GLU B 158 38.87 36.92 13.46
C GLU B 158 38.75 35.40 13.38
N VAL B 159 38.12 34.91 12.30
CA VAL B 159 37.95 33.47 12.07
C VAL B 159 38.46 33.15 10.67
N GLU B 160 39.38 32.18 10.57
CA GLU B 160 39.83 31.66 9.28
C GLU B 160 39.37 30.21 9.17
N ARG B 161 38.90 29.82 7.98
CA ARG B 161 38.66 28.41 7.65
C ARG B 161 39.61 28.03 6.52
N ARG B 162 39.92 26.74 6.43
CA ARG B 162 41.00 26.25 5.57
C ARG B 162 40.69 24.84 5.07
N SER B 163 40.54 24.68 3.77
CA SER B 163 40.26 23.37 3.18
C SER B 163 41.49 22.46 3.28
N VAL B 164 41.24 21.17 3.50
CA VAL B 164 42.29 20.15 3.56
C VAL B 164 42.56 19.57 2.17
N GLN B 165 41.49 19.25 1.45
CA GLN B 165 41.62 18.59 0.13
C GLN B 165 42.05 19.57 -0.95
N LYS B 166 41.44 20.76 -0.95
CA LYS B 166 41.84 21.86 -1.84
C LYS B 166 42.66 22.89 -1.06
N SER B 167 43.35 23.77 -1.79
CA SER B 167 44.11 24.87 -1.21
C SER B 167 43.26 26.14 -1.24
N ASP B 168 42.45 26.32 -0.20
CA ASP B 168 41.50 27.45 -0.12
C ASP B 168 41.43 27.93 1.32
N GLN B 169 41.70 29.21 1.54
CA GLN B 169 41.69 29.82 2.88
C GLN B 169 41.08 31.21 2.85
N GLN B 170 39.86 31.33 3.38
CA GLN B 170 39.18 32.63 3.52
C GLN B 170 39.32 33.11 4.96
N ASN B 171 39.28 34.43 5.13
CA ASN B 171 39.42 35.08 6.45
C ASN B 171 38.23 35.99 6.72
N ILE B 172 37.43 35.62 7.72
CA ILE B 172 36.23 36.38 8.10
C ILE B 172 36.55 37.21 9.35
N LYS B 173 36.28 38.51 9.27
CA LYS B 173 36.35 39.42 10.40
C LYS B 173 34.93 39.83 10.76
N VAL B 174 34.47 39.39 11.92
CA VAL B 174 33.05 39.47 12.33
C VAL B 174 32.91 40.08 13.73
N PRO B 175 31.73 40.68 14.03
CA PRO B 175 31.58 41.45 15.28
C PRO B 175 31.82 40.63 16.56
N GLY B 176 32.41 41.27 17.56
CA GLY B 176 32.85 40.60 18.78
C GLY B 176 31.74 40.11 19.70
N ASN B 177 30.66 40.87 19.81
CA ASN B 177 29.56 40.54 20.73
C ASN B 177 28.67 39.34 20.32
N LEU B 178 28.76 38.89 19.07
CA LEU B 178 28.00 37.71 18.62
C LEU B 178 28.52 36.41 19.23
N THR B 179 27.65 35.40 19.23
CA THR B 179 27.94 34.08 19.84
C THR B 179 28.55 33.09 18.83
N SER B 180 28.07 33.11 17.59
CA SER B 180 28.49 32.15 16.56
C SER B 180 28.42 32.76 15.15
N VAL B 181 29.08 32.08 14.21
CA VAL B 181 29.21 32.56 12.82
C VAL B 181 28.97 31.42 11.82
N LEU B 182 28.31 31.74 10.71
CA LEU B 182 28.13 30.81 9.59
C LEU B 182 29.30 30.95 8.62
N LEU B 183 29.86 29.82 8.18
CA LEU B 183 30.92 29.79 7.19
C LEU B 183 30.34 29.35 5.85
N ASN B 184 29.71 30.30 5.16
CA ASN B 184 29.03 30.02 3.87
C ASN B 184 29.97 29.91 2.66
N ASN B 185 29.41 29.45 1.54
CA ASN B 185 30.10 29.33 0.25
C ASN B 185 31.23 28.30 0.26
N LEU B 186 30.92 27.12 0.79
CA LEU B 186 31.87 25.99 0.85
C LEU B 186 31.47 24.94 -0.18
N HIS B 187 32.27 23.88 -0.28
CA HIS B 187 31.99 22.76 -1.19
C HIS B 187 31.57 21.52 -0.41
N PRO B 188 30.71 20.67 -1.02
CA PRO B 188 30.20 19.47 -0.34
C PRO B 188 31.27 18.39 -0.13
N ARG B 189 31.08 17.57 0.90
CA ARG B 189 31.95 16.43 1.21
C ARG B 189 33.44 16.82 1.32
N GLU B 190 33.70 18.02 1.83
CA GLU B 190 35.04 18.58 1.90
C GLU B 190 35.39 18.90 3.36
N GLN B 191 36.61 18.55 3.76
CA GLN B 191 37.08 18.73 5.12
C GLN B 191 37.65 20.14 5.30
N TYR B 192 37.33 20.78 6.42
CA TYR B 192 37.82 22.13 6.73
C TYR B 192 38.43 22.19 8.13
N VAL B 193 39.36 23.12 8.32
CA VAL B 193 40.01 23.35 9.61
C VAL B 193 39.85 24.82 9.98
N VAL B 194 39.25 25.08 11.14
CA VAL B 194 39.01 26.45 11.61
C VAL B 194 39.82 26.77 12.87
N ARG B 195 40.02 28.07 13.09
CA ARG B 195 40.73 28.58 14.25
C ARG B 195 40.49 30.09 14.31
N ALA B 196 40.39 30.65 15.52
CA ALA B 196 39.94 32.04 15.69
C ALA B 196 40.65 32.79 16.81
N ARG B 197 40.63 34.12 16.70
CA ARG B 197 41.24 35.04 17.68
C ARG B 197 40.23 36.03 18.22
N VAL B 198 40.64 36.72 19.29
CA VAL B 198 39.92 37.86 19.84
C VAL B 198 40.81 39.09 19.66
N ASN B 199 40.56 39.83 18.60
CA ASN B 199 41.36 41.02 18.26
C ASN B 199 40.76 42.28 18.89
N THR B 200 41.62 43.11 19.47
CA THR B 200 41.23 44.39 20.05
C THR B 200 42.05 45.49 19.33
N LYS B 201 42.69 46.40 20.06
CA LYS B 201 43.66 47.33 19.46
C LYS B 201 44.85 46.55 18.88
N ALA B 202 45.39 45.63 19.68
CA ALA B 202 46.41 44.67 19.24
C ALA B 202 45.79 43.30 18.94
N GLN B 203 46.55 42.48 18.21
CA GLN B 203 46.07 41.17 17.74
C GLN B 203 46.28 40.09 18.81
N GLY B 204 45.29 39.20 18.94
CA GLY B 204 45.31 38.16 19.98
C GLY B 204 46.11 36.92 19.63
N GLU B 205 45.80 35.82 20.34
CA GLU B 205 46.44 34.52 20.12
C GLU B 205 45.42 33.52 19.56
N TRP B 206 45.90 32.59 18.73
CA TRP B 206 45.03 31.64 18.03
C TRP B 206 44.55 30.50 18.92
N SER B 207 43.36 29.99 18.59
CA SER B 207 42.77 28.83 19.28
C SER B 207 43.35 27.52 18.73
N GLU B 208 42.86 26.40 19.25
CA GLU B 208 43.17 25.08 18.72
C GLU B 208 42.45 24.86 17.39
N ASP B 209 42.99 23.95 16.57
CA ASP B 209 42.43 23.63 15.26
C ASP B 209 41.23 22.70 15.39
N LEU B 210 40.03 23.23 15.16
CA LEU B 210 38.80 22.43 15.14
C LEU B 210 38.55 21.99 13.70
N THR B 211 38.28 20.70 13.52
CA THR B 211 38.07 20.09 12.20
C THR B 211 36.63 19.59 12.08
N ALA B 212 36.03 19.81 10.91
CA ALA B 212 34.69 19.27 10.59
C ALA B 212 34.45 19.22 9.08
N TRP B 213 33.86 18.11 8.63
CA TRP B 213 33.46 17.96 7.23
C TRP B 213 32.18 18.73 6.96
N THR B 214 31.94 19.05 5.69
CA THR B 214 30.63 19.53 5.23
C THR B 214 29.78 18.31 4.91
N LEU B 215 28.46 18.51 4.85
CA LEU B 215 27.54 17.40 4.57
C LEU B 215 27.74 16.87 3.15
N SER B 216 27.58 15.54 3.02
CA SER B 216 27.86 14.85 1.75
C SER B 216 26.83 15.14 0.67
N ASP B 217 27.29 15.11 -0.58
CA ASP B 217 26.43 15.28 -1.76
C ASP B 217 26.14 13.95 -2.47
N ILE B 218 26.67 12.84 -1.94
CA ILE B 218 26.45 11.49 -2.49
C ILE B 218 26.04 10.52 -1.38
N LEU B 219 25.71 9.29 -1.77
CA LEU B 219 25.35 8.23 -0.81
C LEU B 219 26.62 7.65 -0.16
N PRO B 220 26.54 7.25 1.13
CA PRO B 220 27.70 6.62 1.78
C PRO B 220 28.00 5.20 1.29
N PRO B 221 29.22 4.71 1.56
CA PRO B 221 29.60 3.35 1.20
C PRO B 221 29.10 2.32 2.21
N GLN B 222 29.06 1.05 1.78
CA GLN B 222 28.73 -0.06 2.67
C GLN B 222 29.88 -0.30 3.65
N PRO B 223 29.58 -0.45 4.96
CA PRO B 223 30.62 -0.73 5.96
C PRO B 223 31.45 -1.98 5.68
N GLU B 224 32.78 -1.85 5.75
CA GLU B 224 33.71 -2.97 5.56
C GLU B 224 34.06 -3.62 6.90
N ASN B 225 34.82 -4.71 6.83
CA ASN B 225 35.31 -5.45 8.01
C ASN B 225 34.19 -5.92 8.95
N ILE B 226 33.19 -6.59 8.36
CA ILE B 226 32.04 -7.08 9.10
C ILE B 226 32.42 -8.36 9.84
N LYS B 227 32.52 -8.27 11.17
CA LYS B 227 32.91 -9.40 12.03
C LYS B 227 31.77 -9.78 12.97
N ILE B 228 31.12 -10.91 12.68
CA ILE B 228 30.08 -11.49 13.54
C ILE B 228 30.73 -12.52 14.44
N SER B 229 30.34 -12.55 15.72
CA SER B 229 30.99 -13.41 16.72
C SER B 229 30.09 -13.61 17.95
N ASN B 230 30.62 -14.32 18.96
CA ASN B 230 30.00 -14.43 20.29
C ASN B 230 28.64 -15.14 20.23
N ILE B 231 28.58 -16.22 19.44
CA ILE B 231 27.33 -16.88 19.08
C ILE B 231 26.86 -17.77 20.22
N THR B 232 25.62 -17.54 20.68
CA THR B 232 25.00 -18.34 21.74
C THR B 232 23.54 -18.68 21.35
N HIS B 233 22.84 -19.38 22.22
CA HIS B 233 21.41 -19.68 22.01
C HIS B 233 20.55 -18.40 22.00
N SER B 234 20.81 -17.50 22.96
CA SER B 234 20.00 -16.28 23.14
C SER B 234 20.59 -15.05 22.43
N SER B 235 21.81 -14.68 22.79
CA SER B 235 22.43 -13.42 22.35
C SER B 235 23.54 -13.61 21.30
N ALA B 236 23.96 -12.50 20.71
CA ALA B 236 25.06 -12.47 19.73
C ALA B 236 25.56 -11.03 19.54
N VAL B 237 26.81 -10.89 19.11
CA VAL B 237 27.42 -9.57 18.84
C VAL B 237 27.87 -9.46 17.39
N ILE B 238 27.91 -8.23 16.88
CA ILE B 238 28.36 -7.95 15.50
C ILE B 238 29.19 -6.66 15.46
N SER B 239 30.22 -6.66 14.61
CA SER B 239 31.17 -5.55 14.49
C SER B 239 31.22 -5.02 13.07
N TRP B 240 31.61 -3.76 12.91
CA TRP B 240 31.74 -3.11 11.61
C TRP B 240 32.69 -1.91 11.65
N THR B 241 33.00 -1.38 10.47
CA THR B 241 33.83 -0.18 10.33
C THR B 241 33.30 0.70 9.19
N ILE B 242 33.37 2.02 9.38
CA ILE B 242 32.83 2.98 8.41
C ILE B 242 33.89 3.96 7.92
N LEU B 243 33.74 4.43 6.69
CA LEU B 243 34.65 5.42 6.12
C LEU B 243 34.27 6.81 6.61
N ASP B 244 35.26 7.54 7.11
CA ASP B 244 35.07 8.92 7.58
C ASP B 244 34.86 9.84 6.37
N GLY B 245 34.13 10.93 6.59
CA GLY B 245 33.94 11.99 5.60
C GLY B 245 32.77 11.80 4.65
N TYR B 246 31.70 11.18 5.12
CA TYR B 246 30.41 11.16 4.43
C TYR B 246 29.27 11.66 5.33
N SER B 247 29.60 12.27 6.46
CA SER B 247 28.64 12.72 7.47
C SER B 247 27.63 11.63 7.87
N ILE B 248 28.15 10.43 8.15
CA ILE B 248 27.33 9.29 8.56
C ILE B 248 26.72 9.55 9.94
N SER B 249 25.40 9.79 9.95
CA SER B 249 24.65 10.11 11.16
C SER B 249 24.29 8.85 11.96
N SER B 250 24.02 7.75 11.26
CA SER B 250 23.58 6.51 11.91
C SER B 250 23.79 5.28 11.03
N ILE B 251 23.72 4.11 11.65
CA ILE B 251 23.74 2.83 10.93
C ILE B 251 22.60 1.93 11.42
N THR B 252 22.15 1.03 10.55
CA THR B 252 21.02 0.14 10.83
C THR B 252 21.43 -1.31 10.60
N ILE B 253 21.08 -2.18 11.54
CA ILE B 253 21.37 -3.63 11.44
C ILE B 253 20.06 -4.40 11.29
N ARG B 254 19.59 -4.50 10.06
CA ARG B 254 18.37 -5.25 9.73
C ARG B 254 18.65 -6.74 9.79
N TYR B 255 18.01 -7.44 10.72
CA TYR B 255 18.08 -8.90 10.82
C TYR B 255 16.69 -9.55 10.82
N LYS B 256 16.62 -10.76 10.28
CA LYS B 256 15.36 -11.48 10.11
C LYS B 256 15.64 -12.96 9.84
N VAL B 257 14.60 -13.79 9.94
CA VAL B 257 14.75 -15.24 9.77
C VAL B 257 14.91 -15.57 8.28
N GLN B 258 15.79 -16.53 7.98
CA GLN B 258 16.24 -16.81 6.60
C GLN B 258 15.15 -17.37 5.68
N GLY B 259 14.25 -18.18 6.23
CA GLY B 259 13.24 -18.91 5.46
C GLY B 259 12.31 -18.08 4.59
N LYS B 260 11.54 -18.77 3.75
CA LYS B 260 10.66 -18.14 2.76
C LYS B 260 9.36 -17.55 3.34
N ASN B 261 9.16 -17.62 4.65
CA ASN B 261 8.03 -16.98 5.33
C ASN B 261 8.10 -15.45 5.19
N GLU B 262 9.20 -14.86 5.69
CA GLU B 262 9.49 -13.43 5.54
C GLU B 262 8.36 -12.51 6.05
N ASP B 263 7.84 -12.83 7.24
CA ASP B 263 6.71 -12.09 7.83
C ASP B 263 7.12 -10.84 8.63
N GLN B 264 8.40 -10.71 8.97
CA GLN B 264 8.89 -9.55 9.73
C GLN B 264 10.41 -9.42 9.74
N HIS B 265 10.87 -8.21 10.01
CA HIS B 265 12.29 -7.95 10.32
C HIS B 265 12.40 -6.93 11.46
N VAL B 266 13.57 -6.92 12.10
CA VAL B 266 13.86 -6.00 13.21
C VAL B 266 15.07 -5.14 12.87
N ASP B 267 14.81 -3.89 12.50
CA ASP B 267 15.85 -2.88 12.34
C ASP B 267 16.24 -2.37 13.73
N VAL B 268 17.52 -2.02 13.89
CA VAL B 268 18.01 -1.38 15.11
C VAL B 268 18.92 -0.21 14.71
N LYS B 269 18.34 0.99 14.71
CA LYS B 269 19.02 2.21 14.26
C LYS B 269 19.83 2.78 15.42
N ILE B 270 21.13 3.01 15.18
CA ILE B 270 22.06 3.51 16.18
C ILE B 270 22.50 4.92 15.78
N LYS B 271 22.04 5.92 16.52
CA LYS B 271 22.25 7.33 16.16
C LYS B 271 23.65 7.90 16.50
N ASN B 272 24.47 7.13 17.21
CA ASN B 272 25.83 7.53 17.57
C ASN B 272 26.85 6.77 16.70
N ALA B 273 27.50 7.49 15.78
CA ALA B 273 28.46 6.88 14.84
C ALA B 273 29.76 6.39 15.49
N THR B 274 30.10 6.94 16.65
CA THR B 274 31.24 6.48 17.47
C THR B 274 31.21 4.97 17.75
N ILE B 275 30.00 4.44 17.97
CA ILE B 275 29.80 3.02 18.25
C ILE B 275 30.18 2.18 17.03
N THR B 276 30.92 1.09 17.26
CA THR B 276 31.31 0.14 16.21
C THR B 276 30.93 -1.33 16.51
N GLN B 277 30.19 -1.57 17.59
CA GLN B 277 29.72 -2.89 17.98
C GLN B 277 28.32 -2.80 18.60
N TYR B 278 27.54 -3.87 18.46
CA TYR B 278 26.22 -3.95 19.11
C TYR B 278 25.85 -5.41 19.41
N GLN B 279 25.42 -5.65 20.64
CA GLN B 279 25.00 -6.99 21.07
C GLN B 279 23.49 -7.18 20.85
N LEU B 280 23.14 -8.04 19.91
CA LEU B 280 21.75 -8.47 19.71
C LEU B 280 21.35 -9.40 20.84
N LYS B 281 20.09 -9.33 21.26
CA LYS B 281 19.55 -10.18 22.32
C LYS B 281 18.16 -10.70 21.97
N GLY B 282 17.79 -11.83 22.58
CA GLY B 282 16.47 -12.42 22.42
C GLY B 282 16.23 -13.12 21.09
N LEU B 283 17.23 -13.85 20.62
CA LEU B 283 17.09 -14.69 19.42
C LEU B 283 16.71 -16.11 19.84
N GLU B 284 15.86 -16.76 19.05
CA GLU B 284 15.41 -18.12 19.34
C GLU B 284 16.51 -19.14 19.02
N PRO B 285 16.73 -20.15 19.89
CA PRO B 285 17.83 -21.10 19.65
C PRO B 285 17.63 -22.00 18.43
N GLU B 286 18.74 -22.33 17.76
CA GLU B 286 18.75 -23.18 16.55
C GLU B 286 17.85 -22.63 15.43
N THR B 287 18.04 -21.36 15.10
CA THR B 287 17.28 -20.69 14.05
C THR B 287 18.22 -19.86 13.16
N ALA B 288 18.03 -19.95 11.85
CA ALA B 288 18.89 -19.27 10.87
C ALA B 288 18.40 -17.83 10.61
N TYR B 289 19.24 -16.85 10.94
CA TYR B 289 18.92 -15.44 10.75
C TYR B 289 19.75 -14.82 9.62
N GLN B 290 19.08 -14.17 8.67
CA GLN B 290 19.75 -13.37 7.64
C GLN B 290 19.93 -11.94 8.16
N VAL B 291 21.18 -11.53 8.36
CA VAL B 291 21.53 -10.20 8.89
C VAL B 291 22.13 -9.34 7.77
N ASP B 292 21.48 -8.23 7.47
CA ASP B 292 22.05 -7.18 6.60
C ASP B 292 22.52 -6.02 7.48
N ILE B 293 23.36 -5.16 6.92
CA ILE B 293 23.82 -3.94 7.60
C ILE B 293 23.83 -2.77 6.61
N PHE B 294 23.04 -1.74 6.91
CA PHE B 294 23.01 -0.50 6.13
C PHE B 294 23.79 0.59 6.88
N ALA B 295 24.06 1.68 6.18
CA ALA B 295 24.66 2.88 6.78
C ALA B 295 23.99 4.11 6.17
N GLU B 296 23.72 5.12 7.00
CA GLU B 296 22.86 6.24 6.62
C GLU B 296 23.59 7.58 6.73
N ASN B 297 23.04 8.60 6.08
CA ASN B 297 23.55 9.98 6.20
C ASN B 297 22.48 11.03 5.80
N ASN B 298 22.86 12.30 5.79
CA ASN B 298 21.97 13.41 5.41
C ASN B 298 21.21 13.27 4.07
N ILE B 299 21.78 12.55 3.11
CA ILE B 299 21.15 12.32 1.80
C ILE B 299 20.33 11.02 1.81
N GLY B 300 21.00 9.88 2.00
CA GLY B 300 20.37 8.57 1.87
C GLY B 300 21.12 7.45 2.57
N SER B 301 21.16 6.28 1.95
CA SER B 301 21.75 5.09 2.57
C SER B 301 22.54 4.23 1.58
N SER B 302 23.41 3.38 2.12
CA SER B 302 24.17 2.42 1.33
C SER B 302 23.25 1.34 0.77
N ASN B 303 23.68 0.72 -0.33
CA ASN B 303 22.89 -0.30 -1.03
C ASN B 303 23.68 -1.60 -1.23
N PRO B 304 24.07 -2.27 -0.12
CA PRO B 304 24.89 -3.48 -0.24
C PRO B 304 24.09 -4.70 -0.68
N ALA B 305 24.71 -5.54 -1.51
CA ALA B 305 24.12 -6.82 -1.95
C ALA B 305 24.62 -8.02 -1.13
N PHE B 306 25.47 -7.78 -0.12
CA PHE B 306 26.08 -8.84 0.67
C PHE B 306 25.22 -9.21 1.88
N SER B 307 24.59 -10.39 1.81
CA SER B 307 23.88 -10.96 2.96
C SER B 307 24.86 -11.69 3.87
N HIS B 308 24.51 -11.79 5.15
CA HIS B 308 25.36 -12.47 6.15
C HIS B 308 24.51 -13.38 7.05
N GLU B 309 24.78 -14.69 6.98
CA GLU B 309 24.05 -15.70 7.74
C GLU B 309 24.51 -15.71 9.20
N LEU B 310 23.61 -16.13 10.09
CA LEU B 310 23.91 -16.26 11.52
C LEU B 310 22.96 -17.24 12.20
N VAL B 311 23.44 -18.47 12.43
CA VAL B 311 22.64 -19.52 13.08
C VAL B 311 22.93 -19.54 14.57
N THR B 312 21.87 -19.64 15.38
CA THR B 312 21.98 -19.63 16.84
C THR B 312 22.29 -21.02 17.37
#